data_6JM5
#
_entry.id   6JM5
#
_cell.length_a   130.822
_cell.length_b   48.950
_cell.length_c   47.439
_cell.angle_alpha   90.000
_cell.angle_beta   109.640
_cell.angle_gamma   90.000
#
_symmetry.space_group_name_H-M   'C 1 2 1'
#
loop_
_entity.id
_entity.type
_entity.pdbx_description
1 polymer 'TBC1 domain family member 23'
2 non-polymer 'SODIUM ION'
3 water water
#
_entity_poly.entity_id   1
_entity_poly.type   'polypeptide(L)'
_entity_poly.pdbx_seq_one_letter_code
;EVVNIQTWINKPDVKHHFPCKEVKESGHMFPSHLLVTATHMYCLREIVSRKGLAYIQSRQALNSVVKITSKKKHPELITF
KYGNSSASGIEILAIERYLIPNAGDATKAIKQQIMKVLDALES
;
_entity_poly.pdbx_strand_id   A,B
#
# COMPACT_ATOMS: atom_id res chain seq x y z
N GLU A 1 -3.78 25.94 18.07
CA GLU A 1 -3.84 25.50 16.66
C GLU A 1 -2.59 25.92 15.88
N VAL A 2 -1.95 27.05 16.25
CA VAL A 2 -0.65 27.42 15.65
C VAL A 2 0.41 26.52 16.28
N VAL A 3 1.35 26.01 15.47
CA VAL A 3 2.39 25.12 15.98
C VAL A 3 3.76 25.67 15.57
N ASN A 4 4.78 25.23 16.31
CA ASN A 4 6.16 25.54 16.03
C ASN A 4 6.70 24.45 15.09
N ILE A 5 7.21 24.88 13.94
CA ILE A 5 7.65 23.94 12.87
C ILE A 5 8.80 23.08 13.41
N GLN A 6 9.79 23.71 14.04
CA GLN A 6 10.97 22.95 14.50
C GLN A 6 10.55 21.92 15.56
N THR A 7 9.64 22.29 16.46
CA THR A 7 9.14 21.36 17.47
C THR A 7 8.55 20.11 16.79
N TRP A 8 7.74 20.34 15.76
CA TRP A 8 7.07 19.23 15.08
C TRP A 8 8.07 18.35 14.32
N ILE A 9 9.04 18.97 13.63
CA ILE A 9 10.06 18.20 12.89
C ILE A 9 10.78 17.27 13.86
N ASN A 10 11.01 17.75 15.09
CA ASN A 10 11.85 17.06 16.07
C ASN A 10 11.05 16.01 16.88
N LYS A 11 9.74 15.92 16.67
CA LYS A 11 8.92 14.93 17.39
C LYS A 11 9.43 13.52 17.10
N PRO A 12 9.55 12.65 18.14
CA PRO A 12 10.03 11.28 17.95
C PRO A 12 9.22 10.42 16.97
N ASP A 13 7.91 10.67 16.86
CA ASP A 13 7.01 9.94 15.97
C ASP A 13 7.26 10.29 14.49
N VAL A 14 7.89 11.44 14.21
CA VAL A 14 8.08 11.88 12.83
C VAL A 14 9.24 11.10 12.24
N LYS A 15 8.96 10.34 11.17
CA LYS A 15 9.95 9.51 10.48
C LYS A 15 10.60 10.28 9.32
N HIS A 16 9.86 11.17 8.67
CA HIS A 16 10.30 11.89 7.49
C HIS A 16 9.77 13.33 7.51
N HIS A 17 10.61 14.24 7.00
CA HIS A 17 10.30 15.64 6.84
C HIS A 17 10.67 16.09 5.43
N PHE A 18 9.68 16.60 4.68
CA PHE A 18 9.89 17.12 3.34
C PHE A 18 9.36 18.54 3.25
N PRO A 19 10.25 19.55 3.25
CA PRO A 19 9.83 20.90 2.84
C PRO A 19 9.30 20.85 1.40
N CYS A 20 8.30 21.66 1.13
CA CYS A 20 7.64 21.67 -0.18
C CYS A 20 6.77 22.93 -0.28
N LYS A 21 6.09 23.08 -1.41
CA LYS A 21 5.01 24.02 -1.56
C LYS A 21 3.72 23.27 -1.89
N GLU A 22 2.64 23.64 -1.19
CA GLU A 22 1.34 23.10 -1.54
C GLU A 22 0.81 23.90 -2.73
N VAL A 23 0.41 23.19 -3.80
CA VAL A 23 -0.06 23.80 -5.02
C VAL A 23 -1.60 23.79 -5.06
N LYS A 24 -2.18 24.98 -5.32
CA LYS A 24 -3.64 25.12 -5.49
C LYS A 24 -3.96 25.39 -6.96
N GLU A 25 -5.21 25.10 -7.35
CA GLU A 25 -5.74 25.35 -8.70
C GLU A 25 -5.60 26.84 -9.06
N SER A 26 -5.96 27.71 -8.11
CA SER A 26 -5.47 29.06 -8.08
C SER A 26 -3.95 28.97 -8.08
N GLY A 27 -3.25 29.71 -8.93
CA GLY A 27 -1.80 29.56 -9.08
C GLY A 27 -1.02 29.68 -7.77
N HIS A 28 -1.70 29.67 -6.61
CA HIS A 28 -1.05 29.86 -5.29
C HIS A 28 -0.21 28.62 -4.95
N MET A 29 1.01 28.87 -4.47
CA MET A 29 1.89 27.82 -4.00
C MET A 29 2.41 28.18 -2.60
N PHE A 30 1.93 27.46 -1.58
CA PHE A 30 2.17 27.82 -0.17
C PHE A 30 3.36 27.08 0.41
N PRO A 31 4.42 27.78 0.88
CA PRO A 31 5.51 27.11 1.58
C PRO A 31 4.96 26.26 2.74
N SER A 32 5.37 24.98 2.77
CA SER A 32 4.80 23.99 3.63
C SER A 32 5.88 22.97 4.03
N HIS A 33 5.47 22.07 4.92
CA HIS A 33 6.30 20.98 5.41
C HIS A 33 5.43 19.73 5.51
N LEU A 34 5.84 18.67 4.82
CA LEU A 34 5.21 17.37 4.97
C LEU A 34 5.95 16.62 6.08
N LEU A 35 5.20 16.13 7.07
CA LEU A 35 5.73 15.31 8.12
C LEU A 35 5.02 13.95 8.07
N VAL A 36 5.81 12.88 8.02
CA VAL A 36 5.29 11.53 7.89
C VAL A 36 5.61 10.76 9.16
N THR A 37 4.57 10.22 9.81
CA THR A 37 4.69 9.36 10.97
C THR A 37 4.48 7.91 10.51
N ALA A 38 4.39 6.99 11.45
CA ALA A 38 4.12 5.59 11.13
C ALA A 38 2.70 5.43 10.57
N THR A 39 1.81 6.39 10.84
CA THR A 39 0.42 6.18 10.50
C THR A 39 -0.19 7.30 9.68
N HIS A 40 0.37 8.52 9.71
CA HIS A 40 -0.26 9.68 9.07
C HIS A 40 0.78 10.53 8.32
N MET A 41 0.26 11.32 7.38
CA MET A 41 1.02 12.40 6.78
C MET A 41 0.35 13.72 7.13
N TYR A 42 1.15 14.64 7.67
CA TYR A 42 0.73 15.98 8.05
C TYR A 42 1.31 16.98 7.06
N CYS A 43 0.55 18.03 6.75
CA CYS A 43 1.07 19.14 6.05
C CYS A 43 0.96 20.37 6.97
N LEU A 44 2.10 20.94 7.31
CA LEU A 44 2.20 22.19 8.05
C LEU A 44 2.41 23.32 7.06
N ARG A 45 1.49 24.30 7.05
CA ARG A 45 1.62 25.44 6.16
C ARG A 45 2.26 26.59 6.92
N GLU A 46 3.35 27.13 6.39
CA GLU A 46 4.07 28.24 7.04
C GLU A 46 3.14 29.47 7.11
N ILE A 47 3.23 30.18 8.24
CA ILE A 47 2.64 31.49 8.41
C ILE A 47 3.74 32.51 8.13
N VAL A 48 3.66 33.18 6.97
CA VAL A 48 4.75 34.02 6.47
C VAL A 48 5.01 35.19 7.42
N SER A 49 3.99 35.59 8.18
CA SER A 49 4.10 36.76 9.03
C SER A 49 4.53 36.40 10.47
N ARG A 50 4.72 35.11 10.76
CA ARG A 50 5.10 34.66 12.09
C ARG A 50 6.23 33.62 11.97
N LYS A 51 7.45 34.10 12.19
CA LYS A 51 8.66 33.34 12.07
C LYS A 51 8.54 32.00 12.81
N GLY A 52 8.79 30.91 12.09
CA GLY A 52 8.92 29.59 12.68
C GLY A 52 7.61 28.87 12.96
N LEU A 53 6.46 29.49 12.66
CA LEU A 53 5.17 28.93 13.03
C LEU A 53 4.41 28.48 11.78
N ALA A 54 3.47 27.56 12.01
CA ALA A 54 2.64 27.00 10.96
C ALA A 54 1.25 26.67 11.52
N TYR A 55 0.29 26.46 10.60
CA TYR A 55 -0.97 25.80 10.87
C TYR A 55 -0.87 24.34 10.37
N ILE A 56 -1.59 23.44 11.03
CA ILE A 56 -1.77 22.06 10.51
C ILE A 56 -2.86 22.15 9.43
N GLN A 57 -2.43 22.14 8.17
CA GLN A 57 -3.31 22.34 7.03
C GLN A 57 -4.08 21.06 6.71
N SER A 58 -3.45 19.91 6.95
N SER A 58 -3.44 19.90 6.94
CA SER A 58 -3.98 18.60 6.59
CA SER A 58 -4.06 18.62 6.67
C SER A 58 -3.35 17.52 7.46
C SER A 58 -3.36 17.53 7.48
N ARG A 59 -4.14 16.48 7.77
CA ARG A 59 -3.69 15.27 8.41
C ARG A 59 -4.43 14.10 7.75
N GLN A 60 -3.70 13.23 7.06
CA GLN A 60 -4.30 12.13 6.34
C GLN A 60 -3.69 10.80 6.81
N ALA A 61 -4.54 9.80 7.06
CA ALA A 61 -4.06 8.45 7.34
C ALA A 61 -3.36 7.86 6.11
N LEU A 62 -2.20 7.24 6.34
CA LEU A 62 -1.45 6.62 5.27
C LEU A 62 -2.26 5.49 4.60
N ASN A 63 -3.03 4.74 5.39
CA ASN A 63 -3.81 3.59 4.83
C ASN A 63 -4.88 4.09 3.86
N SER A 64 -5.22 5.39 3.93
CA SER A 64 -6.24 6.01 3.05
C SER A 64 -5.68 6.61 1.75
N VAL A 65 -4.36 6.61 1.56
CA VAL A 65 -3.81 6.97 0.29
C VAL A 65 -4.28 5.94 -0.73
N VAL A 66 -4.91 6.42 -1.80
CA VAL A 66 -5.36 5.54 -2.89
C VAL A 66 -4.61 5.77 -4.20
N LYS A 67 -3.94 6.91 -4.39
CA LYS A 67 -3.14 7.12 -5.57
C LYS A 67 -2.09 8.17 -5.26
N ILE A 68 -0.90 7.99 -5.85
CA ILE A 68 0.15 8.96 -5.89
C ILE A 68 0.59 9.10 -7.35
N THR A 69 0.50 10.31 -7.91
CA THR A 69 0.71 10.53 -9.34
C THR A 69 1.65 11.72 -9.57
N SER A 70 2.33 11.68 -10.71
CA SER A 70 3.12 12.81 -11.21
C SER A 70 3.23 12.70 -12.73
N LYS A 71 3.56 13.82 -13.38
CA LYS A 71 3.85 13.87 -14.82
C LYS A 71 5.35 13.98 -15.06
N LYS A 72 5.81 13.28 -16.10
CA LYS A 72 7.19 13.25 -16.57
C LYS A 72 7.70 14.68 -16.80
N LYS A 73 6.84 15.52 -17.38
CA LYS A 73 7.15 16.92 -17.72
C LYS A 73 7.48 17.74 -16.48
N HIS A 74 6.92 17.36 -15.32
CA HIS A 74 7.11 18.11 -14.09
C HIS A 74 7.22 17.14 -12.93
N PRO A 75 8.34 16.41 -12.81
CA PRO A 75 8.47 15.28 -11.88
C PRO A 75 8.31 15.64 -10.39
N GLU A 76 8.53 16.91 -10.05
CA GLU A 76 8.51 17.36 -8.67
C GLU A 76 7.07 17.67 -8.20
N LEU A 77 6.10 17.74 -9.13
CA LEU A 77 4.72 18.07 -8.75
C LEU A 77 3.93 16.77 -8.53
N ILE A 78 3.71 16.43 -7.26
CA ILE A 78 3.12 15.17 -6.83
C ILE A 78 1.66 15.39 -6.44
N THR A 79 0.77 14.52 -6.93
CA THR A 79 -0.61 14.50 -6.50
C THR A 79 -0.81 13.31 -5.56
N PHE A 80 -1.41 13.56 -4.39
CA PHE A 80 -1.86 12.53 -3.45
C PHE A 80 -3.37 12.51 -3.47
N LYS A 81 -3.96 11.34 -3.66
CA LYS A 81 -5.38 11.14 -3.58
C LYS A 81 -5.68 10.24 -2.40
N TYR A 82 -6.67 10.64 -1.61
CA TYR A 82 -7.06 9.95 -0.43
C TYR A 82 -8.52 9.54 -0.52
N GLY A 83 -8.87 8.43 0.11
CA GLY A 83 -10.27 8.06 0.20
C GLY A 83 -10.42 6.61 0.62
N ASN A 84 -11.41 5.94 0.03
CA ASN A 84 -11.85 4.63 0.44
C ASN A 84 -11.41 3.60 -0.61
N SER A 85 -11.09 2.40 -0.13
CA SER A 85 -10.72 1.29 -0.97
C SER A 85 -11.59 0.08 -0.59
N SER A 86 -11.88 -0.74 -1.60
CA SER A 86 -12.67 -1.95 -1.42
C SER A 86 -12.38 -2.90 -2.60
N ALA A 87 -12.97 -4.09 -2.57
CA ALA A 87 -12.89 -5.03 -3.69
C ALA A 87 -13.32 -4.38 -5.01
N SER A 88 -14.26 -3.44 -4.99
CA SER A 88 -14.80 -2.84 -6.21
C SER A 88 -13.91 -1.70 -6.76
N GLY A 89 -12.94 -1.21 -5.99
CA GLY A 89 -12.04 -0.14 -6.47
C GLY A 89 -11.81 0.93 -5.39
N ILE A 90 -11.54 2.16 -5.84
CA ILE A 90 -11.25 3.26 -4.94
C ILE A 90 -12.28 4.37 -5.14
N GLU A 91 -12.55 5.06 -4.02
CA GLU A 91 -13.44 6.22 -3.96
C GLU A 91 -12.61 7.39 -3.48
N ILE A 92 -12.43 8.40 -4.34
CA ILE A 92 -11.56 9.52 -4.03
C ILE A 92 -12.36 10.55 -3.24
N LEU A 93 -11.86 10.94 -2.06
CA LEU A 93 -12.55 11.92 -1.23
C LEU A 93 -11.75 13.21 -1.06
N ALA A 94 -10.42 13.17 -1.20
CA ALA A 94 -9.58 14.36 -1.09
C ALA A 94 -8.37 14.26 -2.00
N ILE A 95 -7.91 15.41 -2.47
CA ILE A 95 -6.76 15.52 -3.34
C ILE A 95 -5.89 16.68 -2.89
N GLU A 96 -4.60 16.39 -2.69
CA GLU A 96 -3.63 17.43 -2.30
C GLU A 96 -2.43 17.35 -3.26
N ARG A 97 -1.92 18.49 -3.70
CA ARG A 97 -0.78 18.52 -4.65
C ARG A 97 0.37 19.31 -4.04
N TYR A 98 1.58 18.81 -4.21
CA TYR A 98 2.75 19.45 -3.63
C TYR A 98 3.89 19.47 -4.65
N LEU A 99 4.61 20.60 -4.67
CA LEU A 99 5.86 20.71 -5.39
C LEU A 99 6.96 20.40 -4.38
N ILE A 100 7.61 19.24 -4.58
CA ILE A 100 8.57 18.72 -3.60
C ILE A 100 9.94 18.65 -4.26
N PRO A 101 10.94 19.45 -3.82
CA PRO A 101 12.31 19.26 -4.29
C PRO A 101 12.77 17.84 -3.91
N ASN A 102 13.40 17.14 -4.85
CA ASN A 102 13.75 15.73 -4.65
C ASN A 102 12.49 14.92 -4.30
N ALA A 103 11.44 15.09 -5.12
CA ALA A 103 10.17 14.41 -4.94
C ALA A 103 10.34 12.89 -4.98
N GLY A 104 11.31 12.40 -5.76
CA GLY A 104 11.58 10.97 -5.87
C GLY A 104 11.84 10.33 -4.53
N ASP A 105 12.68 10.98 -3.71
CA ASP A 105 13.03 10.49 -2.38
C ASP A 105 11.80 10.52 -1.47
N ALA A 106 11.00 11.58 -1.59
CA ALA A 106 9.81 11.72 -0.77
C ALA A 106 8.80 10.61 -1.08
N THR A 107 8.49 10.41 -2.37
CA THR A 107 7.46 9.46 -2.77
C THR A 107 7.92 8.04 -2.41
N LYS A 108 9.22 7.76 -2.56
CA LYS A 108 9.77 6.46 -2.16
C LYS A 108 9.55 6.24 -0.66
N ALA A 109 9.86 7.26 0.16
CA ALA A 109 9.76 7.15 1.61
C ALA A 109 8.30 6.96 2.02
N ILE A 110 7.39 7.73 1.39
CA ILE A 110 6.00 7.67 1.76
C ILE A 110 5.42 6.29 1.39
N LYS A 111 5.76 5.78 0.20
CA LYS A 111 5.30 4.47 -0.25
C LYS A 111 5.83 3.39 0.70
N GLN A 112 7.08 3.52 1.14
CA GLN A 112 7.68 2.58 2.09
C GLN A 112 6.87 2.59 3.40
N GLN A 113 6.47 3.79 3.85
CA GLN A 113 5.77 3.92 5.10
C GLN A 113 4.36 3.32 4.96
N ILE A 114 3.71 3.54 3.81
CA ILE A 114 2.39 2.96 3.55
C ILE A 114 2.47 1.44 3.65
N MET A 115 3.51 0.86 3.04
N MET A 115 3.51 0.85 3.05
CA MET A 115 3.66 -0.60 3.03
CA MET A 115 3.63 -0.60 3.02
C MET A 115 3.83 -1.14 4.45
C MET A 115 3.82 -1.13 4.46
N LYS A 116 4.52 -0.37 5.30
CA LYS A 116 4.77 -0.80 6.69
C LYS A 116 3.45 -0.84 7.48
N VAL A 117 2.45 -0.05 7.09
CA VAL A 117 1.14 -0.12 7.76
C VAL A 117 0.50 -1.50 7.48
N LEU A 118 0.64 -1.99 6.24
CA LEU A 118 0.03 -3.24 5.78
C LEU A 118 0.77 -4.44 6.40
N ASP A 119 2.06 -4.24 6.66
CA ASP A 119 3.03 -5.32 6.87
C ASP A 119 3.17 -5.57 8.37
N ALA A 120 2.72 -6.74 8.83
CA ALA A 120 3.03 -7.24 10.18
C ALA A 120 3.62 -8.65 10.03
N LEU A 121 4.59 -8.76 9.12
CA LEU A 121 5.35 -9.97 8.88
C LEU A 121 6.42 -10.15 9.96
N GLU A 122 6.78 -11.41 10.22
CA GLU A 122 7.84 -11.79 11.16
C GLU A 122 7.55 -11.18 12.54
N SER A 123 6.29 -11.27 13.00
CA SER A 123 5.89 -10.79 14.33
C SER A 123 6.38 -11.76 15.41
N VAL B 2 -12.57 -25.67 -14.14
CA VAL B 2 -11.27 -26.40 -14.04
C VAL B 2 -10.30 -25.75 -15.03
N VAL B 3 -9.06 -25.50 -14.61
CA VAL B 3 -8.05 -24.87 -15.46
C VAL B 3 -6.76 -25.69 -15.41
N ASN B 4 -5.91 -25.48 -16.42
CA ASN B 4 -4.60 -26.11 -16.52
C ASN B 4 -3.59 -25.21 -15.81
N ILE B 5 -2.88 -25.77 -14.82
CA ILE B 5 -1.97 -25.00 -13.97
C ILE B 5 -0.86 -24.37 -14.82
N GLN B 6 -0.22 -25.18 -15.69
CA GLN B 6 0.93 -24.69 -16.44
C GLN B 6 0.50 -23.57 -17.40
N THR B 7 -0.68 -23.72 -18.02
CA THR B 7 -1.22 -22.65 -18.86
C THR B 7 -1.31 -21.34 -18.08
N TRP B 8 -1.84 -21.41 -16.86
CA TRP B 8 -2.05 -20.21 -16.05
C TRP B 8 -0.73 -19.58 -15.62
N ILE B 9 0.24 -20.42 -15.19
CA ILE B 9 1.56 -19.91 -14.78
C ILE B 9 2.18 -19.12 -15.94
N ASN B 10 1.98 -19.61 -17.17
CA ASN B 10 2.65 -19.08 -18.35
C ASN B 10 1.91 -17.87 -18.96
N LYS B 11 0.74 -17.50 -18.41
CA LYS B 11 -0.01 -16.36 -18.92
C LYS B 11 0.83 -15.09 -18.85
N PRO B 12 0.84 -14.25 -19.91
CA PRO B 12 1.61 -13.00 -19.91
C PRO B 12 1.28 -12.01 -18.79
N ASP B 13 0.02 -12.01 -18.34
CA ASP B 13 -0.45 -11.14 -17.26
C ASP B 13 0.12 -11.54 -15.88
N VAL B 14 0.57 -12.79 -15.75
CA VAL B 14 1.05 -13.28 -14.46
C VAL B 14 2.47 -12.78 -14.26
N LYS B 15 2.67 -12.03 -13.16
CA LYS B 15 3.96 -11.45 -12.80
C LYS B 15 4.72 -12.35 -11.84
N HIS B 16 3.99 -13.06 -10.97
CA HIS B 16 4.59 -13.90 -9.93
C HIS B 16 3.77 -15.18 -9.74
N HIS B 17 4.50 -16.27 -9.47
CA HIS B 17 3.95 -17.59 -9.22
C HIS B 17 4.61 -18.17 -7.96
N PHE B 18 3.79 -18.48 -6.95
CA PHE B 18 4.26 -19.09 -5.72
C PHE B 18 3.47 -20.37 -5.45
N PRO B 19 4.09 -21.55 -5.65
CA PRO B 19 3.52 -22.79 -5.12
C PRO B 19 3.45 -22.69 -3.59
N CYS B 20 2.41 -23.27 -3.01
CA CYS B 20 2.13 -23.12 -1.58
C CYS B 20 1.06 -24.14 -1.18
N LYS B 21 0.71 -24.17 0.10
CA LYS B 21 -0.48 -24.82 0.58
C LYS B 21 -1.41 -23.77 1.21
N GLU B 22 -2.69 -23.87 0.87
CA GLU B 22 -3.67 -23.05 1.57
C GLU B 22 -4.00 -23.76 2.88
N VAL B 23 -3.90 -23.01 4.00
CA VAL B 23 -4.13 -23.51 5.31
C VAL B 23 -5.53 -23.13 5.76
N LYS B 24 -6.30 -24.11 6.22
CA LYS B 24 -7.65 -23.86 6.80
C LYS B 24 -7.60 -24.05 8.32
N GLU B 25 -8.56 -23.45 9.04
CA GLU B 25 -8.70 -23.60 10.50
C GLU B 25 -8.87 -25.06 10.88
N SER B 26 -9.72 -25.78 10.13
CA SER B 26 -9.61 -27.22 10.04
C SER B 26 -8.19 -27.53 9.59
N GLY B 27 -7.52 -28.48 10.25
CA GLY B 27 -6.12 -28.77 9.94
C GLY B 27 -5.84 -29.04 8.46
N HIS B 28 -6.79 -28.77 7.55
CA HIS B 28 -6.63 -29.07 6.11
C HIS B 28 -5.60 -28.12 5.49
N MET B 29 -4.70 -28.68 4.68
CA MET B 29 -3.71 -27.91 3.96
C MET B 29 -3.70 -28.35 2.49
N PHE B 30 -4.16 -27.46 1.61
CA PHE B 30 -4.41 -27.82 0.20
C PHE B 30 -3.26 -27.35 -0.68
N PRO B 31 -2.57 -28.26 -1.39
CA PRO B 31 -1.60 -27.83 -2.40
C PRO B 31 -2.24 -26.87 -3.40
N SER B 32 -1.57 -25.74 -3.61
CA SER B 32 -2.09 -24.62 -4.33
C SER B 32 -0.98 -23.87 -5.05
N HIS B 33 -1.40 -22.88 -5.84
CA HIS B 33 -0.53 -21.97 -6.56
C HIS B 33 -1.11 -20.55 -6.46
N LEU B 34 -0.30 -19.62 -5.95
CA LEU B 34 -0.64 -18.22 -5.98
C LEU B 34 -0.09 -17.61 -7.26
N LEU B 35 -0.98 -16.98 -8.02
CA LEU B 35 -0.59 -16.25 -9.22
C LEU B 35 -0.98 -14.78 -9.02
N VAL B 36 0.02 -13.92 -9.17
CA VAL B 36 -0.15 -12.47 -8.96
C VAL B 36 -0.03 -11.76 -10.31
N THR B 37 -1.06 -10.99 -10.64
CA THR B 37 -1.10 -10.16 -11.82
C THR B 37 -0.85 -8.72 -11.38
N ALA B 38 -1.02 -7.76 -12.30
CA ALA B 38 -0.85 -6.36 -11.96
C ALA B 38 -1.99 -5.90 -11.04
N THR B 39 -3.11 -6.64 -11.00
CA THR B 39 -4.27 -6.12 -10.28
C THR B 39 -4.85 -7.13 -9.28
N HIS B 40 -4.58 -8.43 -9.41
CA HIS B 40 -5.24 -9.45 -8.60
C HIS B 40 -4.25 -10.52 -8.13
N MET B 41 -4.61 -11.19 -7.04
CA MET B 41 -3.97 -12.43 -6.66
C MET B 41 -5.00 -13.55 -6.76
N TYR B 42 -4.62 -14.60 -7.50
CA TYR B 42 -5.40 -15.81 -7.68
C TYR B 42 -4.79 -16.93 -6.86
N CYS B 43 -5.64 -17.77 -6.29
CA CYS B 43 -5.20 -19.01 -5.74
C CYS B 43 -5.83 -20.14 -6.55
N LEU B 44 -4.99 -20.95 -7.18
CA LEU B 44 -5.38 -22.17 -7.88
C LEU B 44 -5.14 -23.35 -6.95
N ARG B 45 -6.20 -24.09 -6.64
CA ARG B 45 -6.09 -25.25 -5.80
C ARG B 45 -5.98 -26.50 -6.66
N GLU B 46 -4.93 -27.28 -6.44
CA GLU B 46 -4.69 -28.48 -7.24
C GLU B 46 -5.84 -29.47 -7.02
N ILE B 47 -6.24 -30.14 -8.11
CA ILE B 47 -7.12 -31.29 -8.06
C ILE B 47 -6.22 -32.54 -8.06
N VAL B 48 -6.11 -33.18 -6.90
CA VAL B 48 -5.13 -34.24 -6.67
C VAL B 48 -5.39 -35.41 -7.63
N SER B 49 -6.65 -35.58 -8.04
CA SER B 49 -7.07 -36.74 -8.82
C SER B 49 -7.03 -36.45 -10.33
N ARG B 50 -6.63 -35.23 -10.71
CA ARG B 50 -6.50 -34.85 -12.12
C ARG B 50 -5.17 -34.11 -12.30
N LYS B 51 -4.12 -34.84 -12.68
CA LYS B 51 -2.77 -34.29 -12.73
C LYS B 51 -2.76 -33.02 -13.59
N GLY B 52 -2.18 -31.95 -13.05
CA GLY B 52 -1.90 -30.74 -13.80
C GLY B 52 -3.09 -29.76 -13.85
N LEU B 53 -4.22 -30.12 -13.23
CA LEU B 53 -5.41 -29.27 -13.27
C LEU B 53 -5.68 -28.69 -11.88
N ALA B 54 -6.43 -27.59 -11.85
CA ALA B 54 -6.79 -26.88 -10.62
C ALA B 54 -8.17 -26.23 -10.77
N TYR B 55 -8.77 -25.86 -9.64
CA TYR B 55 -9.89 -24.92 -9.61
C TYR B 55 -9.34 -23.55 -9.18
N ILE B 56 -9.98 -22.47 -9.65
CA ILE B 56 -9.71 -21.12 -9.11
C ILE B 56 -10.47 -21.00 -7.78
N GLN B 57 -9.72 -21.09 -6.69
CA GLN B 57 -10.32 -21.12 -5.34
C GLN B 57 -10.67 -19.70 -4.89
N SER B 58 -9.87 -18.72 -5.31
CA SER B 58 -10.07 -17.34 -4.90
C SER B 58 -9.40 -16.41 -5.90
N ARG B 59 -9.97 -15.20 -5.99
CA ARG B 59 -9.47 -14.10 -6.77
C ARG B 59 -9.71 -12.82 -5.96
N GLN B 60 -8.64 -12.17 -5.54
CA GLN B 60 -8.74 -10.99 -4.70
C GLN B 60 -8.02 -9.82 -5.38
N ALA B 61 -8.66 -8.64 -5.40
CA ALA B 61 -8.01 -7.44 -5.85
C ALA B 61 -6.85 -7.06 -4.90
N LEU B 62 -5.70 -6.72 -5.48
CA LEU B 62 -4.55 -6.26 -4.72
C LEU B 62 -4.86 -4.98 -3.93
N ASN B 63 -5.68 -4.09 -4.46
CA ASN B 63 -5.98 -2.82 -3.74
C ASN B 63 -6.80 -3.09 -2.49
N SER B 64 -7.41 -4.29 -2.39
CA SER B 64 -8.24 -4.68 -1.22
C SER B 64 -7.47 -5.41 -0.12
N VAL B 65 -6.18 -5.71 -0.35
CA VAL B 65 -5.37 -6.19 0.73
C VAL B 65 -5.25 -5.09 1.79
N VAL B 66 -5.58 -5.43 3.04
CA VAL B 66 -5.46 -4.49 4.15
C VAL B 66 -4.43 -4.91 5.19
N LYS B 67 -4.00 -6.20 5.21
CA LYS B 67 -2.96 -6.61 6.10
C LYS B 67 -2.33 -7.88 5.53
N ILE B 68 -1.02 -7.99 5.72
CA ILE B 68 -0.25 -9.19 5.48
C ILE B 68 0.59 -9.43 6.73
N THR B 69 0.37 -10.60 7.37
CA THR B 69 0.97 -10.91 8.67
C THR B 69 1.63 -12.27 8.65
N SER B 70 2.64 -12.41 9.52
CA SER B 70 3.25 -13.72 9.81
C SER B 70 3.90 -13.63 11.20
N LYS B 71 4.17 -14.80 11.80
CA LYS B 71 4.90 -14.90 13.06
C LYS B 71 6.35 -15.33 12.79
N LYS B 72 7.28 -14.73 13.54
CA LYS B 72 8.71 -15.03 13.54
C LYS B 72 8.95 -16.53 13.72
N LYS B 73 8.17 -17.14 14.63
CA LYS B 73 8.29 -18.57 14.98
C LYS B 73 7.95 -19.46 13.78
N HIS B 74 7.12 -18.97 12.86
CA HIS B 74 6.67 -19.77 11.71
C HIS B 74 6.60 -18.87 10.47
N PRO B 75 7.77 -18.45 9.94
CA PRO B 75 7.85 -17.42 8.91
C PRO B 75 7.14 -17.74 7.59
N GLU B 76 6.91 -19.03 7.32
CA GLU B 76 6.36 -19.47 6.05
C GLU B 76 4.83 -19.35 6.05
N LEU B 77 4.19 -19.19 7.22
CA LEU B 77 2.73 -19.18 7.31
C LEU B 77 2.24 -17.72 7.28
N ILE B 78 1.73 -17.31 6.11
CA ILE B 78 1.38 -15.93 5.82
C ILE B 78 -0.14 -15.82 5.86
N THR B 79 -0.62 -14.77 6.56
CA THR B 79 -2.02 -14.41 6.55
C THR B 79 -2.23 -13.17 5.67
N PHE B 80 -3.18 -13.27 4.74
CA PHE B 80 -3.66 -12.12 3.95
C PHE B 80 -5.06 -11.77 4.43
N LYS B 81 -5.26 -10.47 4.71
CA LYS B 81 -6.56 -9.97 5.11
C LYS B 81 -7.00 -8.99 4.04
N TYR B 82 -8.25 -9.16 3.60
CA TYR B 82 -8.83 -8.35 2.57
C TYR B 82 -10.05 -7.63 3.12
N GLY B 83 -10.31 -6.45 2.55
CA GLY B 83 -11.51 -5.72 2.95
C GLY B 83 -11.46 -4.29 2.50
N ASN B 84 -12.05 -3.43 3.36
CA ASN B 84 -12.26 -2.03 3.04
C ASN B 84 -11.31 -1.17 3.85
N SER B 85 -10.86 -0.08 3.24
CA SER B 85 -9.98 0.89 3.88
C SER B 85 -10.62 2.28 3.78
N SER B 86 -10.39 3.09 4.81
CA SER B 86 -10.92 4.46 4.85
C SER B 86 -10.08 5.25 5.86
N ALA B 87 -10.37 6.55 5.98
CA ALA B 87 -9.73 7.41 6.97
C ALA B 87 -9.81 6.81 8.38
N SER B 88 -10.91 6.10 8.69
CA SER B 88 -11.17 5.63 10.04
C SER B 88 -10.48 4.29 10.33
N GLY B 89 -9.96 3.59 9.32
CA GLY B 89 -9.23 2.35 9.53
C GLY B 89 -9.55 1.32 8.47
N ILE B 90 -9.43 0.04 8.84
CA ILE B 90 -9.69 -1.05 7.92
C ILE B 90 -10.83 -1.92 8.46
N GLU B 91 -11.60 -2.49 7.53
CA GLU B 91 -12.73 -3.36 7.79
C GLU B 91 -12.41 -4.69 7.12
N ILE B 92 -12.17 -5.71 7.93
CA ILE B 92 -11.70 -7.01 7.39
C ILE B 92 -12.90 -7.82 6.96
N LEU B 93 -12.91 -8.28 5.70
CA LEU B 93 -14.04 -9.04 5.19
C LEU B 93 -13.67 -10.48 4.80
N ALA B 94 -12.39 -10.73 4.57
CA ALA B 94 -11.95 -12.10 4.22
C ALA B 94 -10.51 -12.29 4.71
N ILE B 95 -10.18 -13.55 5.03
CA ILE B 95 -8.86 -13.91 5.51
C ILE B 95 -8.47 -15.23 4.83
N GLU B 96 -7.29 -15.22 4.21
CA GLU B 96 -6.77 -16.46 3.59
C GLU B 96 -5.34 -16.65 4.10
N ARG B 97 -4.96 -17.90 4.36
CA ARG B 97 -3.65 -18.18 4.97
C ARG B 97 -2.97 -19.22 4.10
N TYR B 98 -1.67 -19.00 3.89
CA TYR B 98 -0.90 -19.91 3.03
C TYR B 98 0.45 -20.22 3.68
N LEU B 99 0.87 -21.49 3.50
CA LEU B 99 2.21 -21.90 3.82
C LEU B 99 3.04 -21.82 2.53
N ILE B 100 3.95 -20.85 2.49
CA ILE B 100 4.68 -20.48 1.27
C ILE B 100 6.16 -20.72 1.50
N PRO B 101 6.78 -21.70 0.78
CA PRO B 101 8.24 -21.80 0.77
C PRO B 101 8.85 -20.47 0.31
N ASN B 102 9.90 -20.02 1.02
CA ASN B 102 10.53 -18.73 0.73
C ASN B 102 9.49 -17.62 0.76
N ALA B 103 8.69 -17.59 1.84
CA ALA B 103 7.60 -16.64 1.98
C ALA B 103 8.11 -15.19 1.94
N GLY B 104 9.32 -14.95 2.44
CA GLY B 104 9.93 -13.60 2.43
C GLY B 104 9.94 -12.96 1.03
N ASP B 105 10.36 -13.75 0.04
CA ASP B 105 10.43 -13.29 -1.34
C ASP B 105 9.01 -13.07 -1.88
N ALA B 106 8.09 -13.97 -1.54
CA ALA B 106 6.70 -13.86 -1.99
C ALA B 106 6.04 -12.58 -1.47
N THR B 107 6.16 -12.33 -0.16
CA THR B 107 5.50 -11.20 0.47
C THR B 107 6.12 -9.89 -0.06
N LYS B 108 7.43 -9.88 -0.26
CA LYS B 108 8.12 -8.73 -0.87
C LYS B 108 7.54 -8.44 -2.27
N ALA B 109 7.38 -9.49 -3.08
CA ALA B 109 6.89 -9.34 -4.46
C ALA B 109 5.44 -8.84 -4.46
N ILE B 110 4.62 -9.42 -3.57
CA ILE B 110 3.21 -9.06 -3.52
C ILE B 110 3.07 -7.61 -3.05
N LYS B 111 3.83 -7.21 -2.03
CA LYS B 111 3.81 -5.83 -1.56
C LYS B 111 4.27 -4.88 -2.67
N GLN B 112 5.29 -5.26 -3.43
CA GLN B 112 5.75 -4.46 -4.59
C GLN B 112 4.60 -4.27 -5.59
N GLN B 113 3.84 -5.33 -5.84
CA GLN B 113 2.79 -5.26 -6.81
C GLN B 113 1.65 -4.37 -6.30
N ILE B 114 1.35 -4.49 -5.01
CA ILE B 114 0.30 -3.64 -4.40
C ILE B 114 0.68 -2.18 -4.57
N MET B 115 1.95 -1.85 -4.32
N MET B 115 1.96 -1.84 -4.34
CA MET B 115 2.42 -0.47 -4.39
CA MET B 115 2.35 -0.45 -4.37
C MET B 115 2.27 0.07 -5.83
C MET B 115 2.39 0.08 -5.81
N LYS B 116 2.47 -0.81 -6.81
CA LYS B 116 2.40 -0.40 -8.22
C LYS B 116 0.96 -0.02 -8.59
N VAL B 117 -0.04 -0.57 -7.90
CA VAL B 117 -1.42 -0.14 -8.12
C VAL B 117 -1.60 1.34 -7.69
N LEU B 118 -1.00 1.75 -6.57
CA LEU B 118 -1.13 3.13 -6.02
C LEU B 118 -0.34 4.11 -6.89
N ASP B 119 0.73 3.61 -7.51
CA ASP B 119 1.82 4.44 -8.06
C ASP B 119 1.55 4.72 -9.54
N ALA B 120 1.24 5.99 -9.86
CA ALA B 120 1.19 6.47 -11.24
C ALA B 120 2.10 7.69 -11.36
N LEU B 121 3.32 7.55 -10.82
CA LEU B 121 4.35 8.56 -10.90
C LEU B 121 4.99 8.52 -12.30
N GLU B 122 5.23 9.70 -12.86
CA GLU B 122 5.73 9.98 -14.22
C GLU B 122 4.87 9.25 -15.26
#